data_4EZP
#
_entry.id   4EZP
#
_cell.length_a   77.681
_cell.length_b   160.924
_cell.length_c   44.792
_cell.angle_alpha   90.00
_cell.angle_beta   90.00
_cell.angle_gamma   90.00
#
_symmetry.space_group_name_H-M   'P 21 21 2'
#
loop_
_entity.id
_entity.type
_entity.pdbx_description
1 polymer 'Chaperone protein DnaK'
2 polymer APO-monomer
3 non-polymer 'SULFATE ION'
4 water water
#
loop_
_entity_poly.entity_id
_entity_poly.type
_entity_poly.pdbx_seq_one_letter_code
_entity_poly.pdbx_strand_id
1 'polypeptide(L)'
;VLLLDVTPLSLGIETMGGVMTTLIAKNTTIPTKHSQVFSTAEDNQSAVTIHVLQGERKRAADNKSLGQFNLDGINPAPRG
MPQIEVTFDIDADGILHVSAKDKNSGKEQKITIKASSGLNEDEIQKMVRDAEANAEADRKFEELVQTRNQGDHLLHSTRK
QVEEAGDKLPADDKTAIESALTALETALKGEDKAAIEAKMQELAQVSQKLMEIAQQQHA
;
A,B
2 'polypeptide(L)' (ALC)RPDKPRPYLPRPRPPRPVR C,D
#
# COMPACT_ATOMS: atom_id res chain seq x y z
N VAL A 1 -1.97 -0.61 38.79
CA VAL A 1 -2.42 -1.99 38.29
C VAL A 1 -1.36 -2.62 37.35
N LEU A 2 -1.27 -3.93 37.37
CA LEU A 2 -0.29 -4.61 36.53
C LEU A 2 -0.94 -5.18 35.29
N LEU A 3 -2.25 -5.03 35.15
CA LEU A 3 -2.83 -5.44 33.89
C LEU A 3 -4.04 -4.66 33.65
N LEU A 4 -4.42 -4.59 32.38
CA LEU A 4 -5.66 -3.94 31.99
C LEU A 4 -6.02 -4.22 30.57
N ASP A 5 -7.28 -3.93 30.25
CA ASP A 5 -7.78 -4.24 28.89
C ASP A 5 -7.50 -3.04 28.01
N VAL A 6 -6.89 -3.29 26.85
CA VAL A 6 -6.74 -2.24 25.85
C VAL A 6 -7.33 -2.70 24.53
N THR A 7 -7.56 -1.74 23.63
CA THR A 7 -7.81 -2.15 22.26
C THR A 7 -6.42 -2.19 21.56
N PRO A 8 -6.04 -3.33 20.94
CA PRO A 8 -4.68 -3.58 20.56
C PRO A 8 -4.16 -2.87 19.31
N LEU A 9 -5.06 -2.31 18.50
CA LEU A 9 -4.67 -1.67 17.24
C LEU A 9 -5.57 -0.44 17.10
N SER A 10 -5.07 0.48 16.29
CA SER A 10 -5.88 1.69 16.06
C SER A 10 -7.17 1.31 15.39
N LEU A 11 -8.21 2.08 15.70
CA LEU A 11 -9.53 1.92 15.06
C LEU A 11 -9.92 3.22 14.41
N GLY A 12 -10.45 3.15 13.21
CA GLY A 12 -10.82 4.42 12.53
C GLY A 12 -11.71 4.12 11.33
N ILE A 13 -11.72 5.10 10.42
CA ILE A 13 -12.60 4.98 9.25
C ILE A 13 -11.85 5.35 8.00
N GLU A 14 -12.36 4.85 6.89
CA GLU A 14 -11.77 5.32 5.57
C GLU A 14 -12.18 6.73 5.24
N THR A 15 -11.21 7.53 4.81
CA THR A 15 -11.55 8.91 4.37
C THR A 15 -11.07 9.11 2.91
N MET A 16 -11.42 10.26 2.34
CA MET A 16 -11.23 10.60 0.92
C MET A 16 -9.84 10.20 0.43
N GLY A 17 -9.78 9.42 -0.65
CA GLY A 17 -8.50 9.12 -1.27
C GLY A 17 -7.96 7.78 -0.76
N GLY A 18 -8.70 7.07 0.10
CA GLY A 18 -8.26 5.68 0.48
C GLY A 18 -7.37 5.67 1.72
N VAL A 19 -7.50 6.70 2.57
CA VAL A 19 -6.64 6.79 3.76
C VAL A 19 -7.44 6.24 4.97
N MET A 20 -6.75 5.58 5.93
CA MET A 20 -7.37 5.31 7.24
C MET A 20 -7.11 6.52 8.14
N THR A 21 -8.21 7.07 8.65
CA THR A 21 -8.12 8.14 9.68
C THR A 21 -8.51 7.53 11.06
N THR A 22 -7.57 7.63 12.02
CA THR A 22 -7.80 7.04 13.34
C THR A 22 -8.74 7.82 14.24
N LEU A 23 -9.66 7.10 14.90
CA LEU A 23 -10.47 7.70 15.99
C LEU A 23 -10.03 7.20 17.36
N ILE A 24 -9.61 5.93 17.46
CA ILE A 24 -9.11 5.46 18.75
C ILE A 24 -7.69 4.89 18.52
N ALA A 25 -6.68 5.41 19.23
CA ALA A 25 -5.25 4.97 19.01
C ALA A 25 -5.01 3.57 19.53
N LYS A 26 -4.07 2.85 18.93
CA LYS A 26 -3.69 1.53 19.50
C LYS A 26 -3.32 1.64 20.97
N ASN A 27 -3.68 0.61 21.71
CA ASN A 27 -3.37 0.43 23.11
C ASN A 27 -4.10 1.40 24.02
N THR A 28 -5.18 2.00 23.53
CA THR A 28 -6.02 2.86 24.38
C THR A 28 -6.76 1.94 25.40
N THR A 29 -6.76 2.30 26.70
CA THR A 29 -7.54 1.51 27.68
C THR A 29 -9.04 1.55 27.37
N ILE A 30 -9.69 0.40 27.54
CA ILE A 30 -11.12 0.35 27.40
C ILE A 30 -11.82 0.19 28.79
N PRO A 31 -13.04 0.73 28.94
CA PRO A 31 -13.83 1.40 27.91
C PRO A 31 -13.32 2.77 27.51
N THR A 32 -13.64 3.15 26.28
CA THR A 32 -13.25 4.47 25.77
C THR A 32 -14.25 4.93 24.69
N LYS A 33 -14.31 6.25 24.50
CA LYS A 33 -15.24 6.82 23.50
C LYS A 33 -14.53 7.99 22.86
N HIS A 34 -14.66 8.13 21.55
CA HIS A 34 -14.13 9.31 20.94
C HIS A 34 -14.97 9.65 19.76
N SER A 35 -15.17 10.94 19.51
CA SER A 35 -15.90 11.38 18.30
CA SER A 35 -15.84 11.32 18.26
C SER A 35 -15.08 12.36 17.47
N GLN A 36 -15.41 12.44 16.20
CA GLN A 36 -14.79 13.45 15.34
C GLN A 36 -15.77 13.81 14.26
N VAL A 37 -15.78 15.10 13.89
CA VAL A 37 -16.69 15.53 12.81
C VAL A 37 -15.98 15.47 11.46
N PHE A 38 -16.67 14.89 10.48
CA PHE A 38 -16.16 14.82 9.13
C PHE A 38 -17.13 15.54 8.22
N SER A 39 -16.67 15.89 7.05
CA SER A 39 -17.62 16.48 6.09
C SER A 39 -17.48 15.78 4.73
N THR A 40 -18.14 16.31 3.73
CA THR A 40 -18.07 15.78 2.32
C THR A 40 -17.03 16.55 1.48
N ALA A 41 -16.34 15.89 0.51
CA ALA A 41 -15.37 16.62 -0.34
C ALA A 41 -15.87 17.29 -1.59
N GLU A 42 -17.06 16.87 -2.04
CA GLU A 42 -17.57 17.41 -3.25
C GLU A 42 -18.96 17.95 -2.95
N ASP A 43 -19.39 18.85 -3.80
CA ASP A 43 -20.66 19.48 -3.72
C ASP A 43 -21.80 18.49 -3.94
N ASN A 44 -22.84 18.68 -3.16
CA ASN A 44 -24.10 17.93 -3.36
C ASN A 44 -24.12 16.46 -3.00
N GLN A 45 -23.21 16.04 -2.09
CA GLN A 45 -23.12 14.67 -1.74
C GLN A 45 -24.21 14.43 -0.69
N SER A 46 -25.10 13.46 -0.94
CA SER A 46 -26.26 13.25 -0.11
CA SER A 46 -26.23 13.26 -0.07
C SER A 46 -26.14 11.94 0.72
N ALA A 47 -25.10 11.12 0.41
CA ALA A 47 -24.86 9.88 1.15
C ALA A 47 -23.37 9.69 1.34
N VAL A 48 -23.01 9.16 2.49
CA VAL A 48 -21.65 8.82 2.81
C VAL A 48 -21.61 7.41 3.36
N THR A 49 -20.44 6.81 3.21
CA THR A 49 -20.21 5.45 3.72
C THR A 49 -19.18 5.55 4.82
N ILE A 50 -19.50 4.88 5.93
CA ILE A 50 -18.64 4.80 7.14
C ILE A 50 -18.02 3.40 7.10
N HIS A 51 -16.77 3.29 6.75
CA HIS A 51 -16.10 2.04 6.65
C HIS A 51 -15.14 1.91 7.81
N VAL A 52 -15.45 0.98 8.71
CA VAL A 52 -14.75 0.84 9.98
C VAL A 52 -13.52 -0.03 9.77
N LEU A 53 -12.37 0.41 10.26
CA LEU A 53 -11.08 -0.30 10.01
C LEU A 53 -10.29 -0.46 11.33
N GLN A 54 -9.51 -1.54 11.39
CA GLN A 54 -8.62 -1.80 12.53
C GLN A 54 -7.26 -2.01 11.94
N GLY A 55 -6.29 -1.18 12.43
CA GLY A 55 -4.90 -1.43 11.99
C GLY A 55 -4.04 -0.15 12.05
N GLU A 56 -2.77 -0.30 11.68
CA GLU A 56 -1.80 0.83 11.82
C GLU A 56 -1.32 1.32 10.49
N ARG A 57 -1.92 0.91 9.39
CA ARG A 57 -1.43 1.33 8.04
C ARG A 57 -2.16 2.54 7.57
N LYS A 58 -1.48 3.35 6.75
CA LYS A 58 -2.15 4.60 6.32
C LYS A 58 -3.06 4.34 5.11
N ARG A 59 -2.77 3.33 4.25
CA ARG A 59 -3.71 2.93 3.18
C ARG A 59 -4.89 2.16 3.82
N ALA A 60 -6.12 2.67 3.65
CA ALA A 60 -7.28 1.99 4.22
C ALA A 60 -7.29 0.50 3.82
N ALA A 61 -6.97 0.23 2.55
CA ALA A 61 -6.99 -1.16 2.03
C ALA A 61 -6.07 -2.10 2.76
N ASP A 62 -5.06 -1.59 3.48
CA ASP A 62 -4.12 -2.49 4.10
C ASP A 62 -4.58 -2.85 5.52
N ASN A 63 -5.68 -2.24 6.01
CA ASN A 63 -6.14 -2.50 7.37
C ASN A 63 -7.22 -3.54 7.35
N LYS A 64 -7.62 -4.01 8.50
CA LYS A 64 -8.66 -5.02 8.63
C LYS A 64 -10.04 -4.36 8.64
N SER A 65 -10.89 -4.76 7.70
CA SER A 65 -12.27 -4.21 7.69
C SER A 65 -13.11 -4.82 8.79
N LEU A 66 -13.79 -4.00 9.61
CA LEU A 66 -14.66 -4.52 10.69
C LEU A 66 -16.16 -4.39 10.33
N GLY A 67 -16.46 -3.69 9.28
CA GLY A 67 -17.89 -3.42 8.97
C GLY A 67 -18.02 -2.10 8.29
N GLN A 68 -19.23 -1.86 7.81
CA GLN A 68 -19.47 -0.59 7.16
C GLN A 68 -20.97 -0.35 7.08
N PHE A 69 -21.35 0.92 6.98
CA PHE A 69 -22.74 1.26 6.79
C PHE A 69 -22.80 2.58 6.10
N ASN A 70 -23.99 2.88 5.59
CA ASN A 70 -24.21 4.15 4.91
C ASN A 70 -25.08 5.10 5.73
N LEU A 71 -24.91 6.37 5.47
CA LEU A 71 -25.76 7.43 6.08
C LEU A 71 -26.25 8.24 4.88
N ASP A 72 -27.57 8.29 4.67
CA ASP A 72 -28.07 9.10 3.57
C ASP A 72 -29.16 10.07 4.04
N GLY A 73 -29.71 10.80 3.08
CA GLY A 73 -30.70 11.85 3.39
C GLY A 73 -30.06 13.18 3.71
N ILE A 74 -28.74 13.24 3.53
CA ILE A 74 -28.04 14.51 3.79
C ILE A 74 -28.47 15.56 2.77
N ASN A 75 -28.81 16.77 3.23
CA ASN A 75 -29.24 17.77 2.26
C ASN A 75 -28.06 18.10 1.31
N PRO A 76 -28.28 18.08 -0.01
CA PRO A 76 -27.14 18.33 -0.91
C PRO A 76 -26.64 19.73 -0.74
N ALA A 77 -25.35 19.90 -0.47
CA ALA A 77 -24.81 21.18 -0.03
C ALA A 77 -23.36 21.30 -0.51
N PRO A 78 -22.77 22.50 -0.45
CA PRO A 78 -21.33 22.68 -0.73
C PRO A 78 -20.40 21.75 0.06
N ARG A 79 -19.33 21.33 -0.61
CA ARG A 79 -18.25 20.58 -0.02
C ARG A 79 -17.89 21.32 1.29
N GLY A 80 -17.77 20.54 2.33
CA GLY A 80 -17.31 21.03 3.62
C GLY A 80 -18.43 21.53 4.51
N MET A 81 -19.65 21.65 3.95
CA MET A 81 -20.80 22.13 4.76
C MET A 81 -21.41 21.07 5.70
N PRO A 82 -21.67 19.84 5.23
CA PRO A 82 -22.28 18.86 6.19
C PRO A 82 -21.35 18.60 7.38
N GLN A 83 -21.93 18.40 8.58
CA GLN A 83 -21.14 18.12 9.80
C GLN A 83 -21.58 16.73 10.24
N ILE A 84 -20.79 15.72 9.89
CA ILE A 84 -21.19 14.32 10.18
C ILE A 84 -20.31 13.90 11.36
N GLU A 85 -20.96 13.76 12.52
CA GLU A 85 -20.22 13.41 13.72
C GLU A 85 -20.13 11.89 13.80
N VAL A 86 -18.89 11.38 13.86
CA VAL A 86 -18.68 9.92 13.93
C VAL A 86 -18.16 9.61 15.27
N THR A 87 -18.82 8.66 15.92
CA THR A 87 -18.45 8.32 17.30
C THR A 87 -18.12 6.82 17.38
N PHE A 88 -16.95 6.54 17.96
CA PHE A 88 -16.62 5.16 18.27
C PHE A 88 -16.68 5.03 19.80
N ASP A 89 -17.36 3.99 20.27
CA ASP A 89 -17.48 3.75 21.71
C ASP A 89 -17.23 2.30 21.97
N ILE A 90 -16.18 2.01 22.72
CA ILE A 90 -15.94 0.55 23.07
C ILE A 90 -16.29 0.33 24.54
N ASP A 91 -17.16 -0.62 24.81
CA ASP A 91 -17.53 -0.87 26.21
C ASP A 91 -16.54 -1.73 26.96
N ALA A 92 -16.85 -1.99 28.24
CA ALA A 92 -15.91 -2.74 29.07
C ALA A 92 -15.78 -4.17 28.59
N ASP A 93 -16.76 -4.68 27.85
CA ASP A 93 -16.69 -6.06 27.34
C ASP A 93 -16.07 -6.11 25.91
N GLY A 94 -15.60 -4.98 25.41
CA GLY A 94 -14.87 -4.96 24.16
C GLY A 94 -15.77 -4.75 22.96
N ILE A 95 -17.07 -4.57 23.19
CA ILE A 95 -17.99 -4.41 22.07
C ILE A 95 -17.84 -3.00 21.49
N LEU A 96 -17.68 -2.92 20.18
CA LEU A 96 -17.49 -1.60 19.56
C LEU A 96 -18.81 -1.10 18.99
N HIS A 97 -19.20 0.11 19.36
CA HIS A 97 -20.38 0.74 18.73
C HIS A 97 -19.92 1.93 17.91
N VAL A 98 -20.32 1.99 16.64
CA VAL A 98 -19.88 3.12 15.76
C VAL A 98 -21.16 3.76 15.29
N SER A 99 -21.27 5.09 15.45
CA SER A 99 -22.45 5.80 14.94
C SER A 99 -21.99 6.95 14.06
N ALA A 100 -22.87 7.38 13.13
CA ALA A 100 -22.55 8.64 12.36
C ALA A 100 -23.88 9.43 12.39
N LYS A 101 -23.80 10.73 12.71
CA LYS A 101 -25.02 11.57 12.72
C LYS A 101 -24.75 12.80 11.90
N ASP A 102 -25.68 13.12 10.99
CA ASP A 102 -25.60 14.39 10.30
C ASP A 102 -26.28 15.48 11.16
N LYS A 103 -25.51 16.49 11.57
CA LYS A 103 -26.00 17.51 12.49
C LYS A 103 -27.16 18.26 11.91
N ASN A 104 -27.09 18.62 10.62
CA ASN A 104 -28.20 19.45 10.03
C ASN A 104 -29.49 18.65 9.96
N SER A 105 -29.41 17.44 9.39
CA SER A 105 -30.66 16.70 9.17
C SER A 105 -31.14 15.90 10.40
N GLY A 106 -30.20 15.57 11.31
CA GLY A 106 -30.46 14.76 12.44
C GLY A 106 -30.46 13.25 12.14
N LYS A 107 -30.16 12.91 10.89
CA LYS A 107 -30.23 11.49 10.37
C LYS A 107 -29.02 10.76 10.98
N GLU A 108 -29.22 9.54 11.47
CA GLU A 108 -28.15 8.84 12.16
C GLU A 108 -28.23 7.36 11.78
N GLN A 109 -27.10 6.69 11.75
CA GLN A 109 -27.05 5.25 11.48
C GLN A 109 -25.90 4.71 12.36
N LYS A 110 -26.03 3.45 12.74
CA LYS A 110 -25.05 2.84 13.65
C LYS A 110 -24.79 1.38 13.29
N ILE A 111 -23.68 0.85 13.82
CA ILE A 111 -23.47 -0.59 13.76
CA ILE A 111 -23.31 -0.57 13.68
C ILE A 111 -22.78 -1.03 15.05
N THR A 112 -23.00 -2.30 15.38
CA THR A 112 -22.37 -2.89 16.53
C THR A 112 -21.41 -3.97 16.06
N ILE A 113 -20.20 -3.95 16.62
CA ILE A 113 -19.10 -4.86 16.23
C ILE A 113 -18.64 -5.68 17.46
N LYS A 114 -18.80 -7.01 17.37
CA LYS A 114 -18.48 -7.87 18.50
C LYS A 114 -16.99 -7.84 18.86
N ALA A 115 -16.71 -8.08 20.14
CA ALA A 115 -15.35 -7.99 20.64
C ALA A 115 -14.41 -8.96 20.00
N SER A 116 -14.93 -10.14 19.58
CA SER A 116 -14.05 -11.12 18.96
C SER A 116 -13.60 -10.77 17.50
N SER A 117 -14.15 -9.69 16.92
CA SER A 117 -13.92 -9.29 15.54
C SER A 117 -12.45 -8.82 15.41
N GLY A 118 -12.01 -8.76 14.15
CA GLY A 118 -10.68 -8.14 13.86
C GLY A 118 -9.52 -9.14 13.99
N LEU A 119 -8.32 -8.61 14.16
CA LEU A 119 -7.07 -9.36 14.06
C LEU A 119 -6.71 -10.08 15.31
N ASN A 120 -6.16 -11.29 15.15
CA ASN A 120 -5.69 -12.11 16.31
C ASN A 120 -4.28 -11.74 16.77
N GLU A 121 -3.82 -12.36 17.84
CA GLU A 121 -2.54 -11.95 18.42
C GLU A 121 -1.42 -11.95 17.38
N ASP A 122 -1.30 -13.02 16.60
CA ASP A 122 -0.25 -13.14 15.58
CA ASP A 122 -0.24 -13.12 15.62
C ASP A 122 -0.39 -12.05 14.54
N GLU A 123 -1.64 -11.84 14.07
CA GLU A 123 -1.88 -10.82 13.07
C GLU A 123 -1.59 -9.41 13.59
N ILE A 124 -1.88 -9.21 14.89
CA ILE A 124 -1.58 -7.92 15.55
C ILE A 124 -0.09 -7.62 15.57
N GLN A 125 0.70 -8.65 15.90
CA GLN A 125 2.15 -8.46 15.89
C GLN A 125 2.65 -8.21 14.45
N LYS A 126 2.11 -8.95 13.46
CA LYS A 126 2.54 -8.73 12.08
C LYS A 126 2.16 -7.30 11.68
N MET A 127 0.96 -6.87 12.06
CA MET A 127 0.50 -5.55 11.70
C MET A 127 1.46 -4.44 12.22
N VAL A 128 1.85 -4.52 13.47
CA VAL A 128 2.71 -3.49 14.08
C VAL A 128 4.11 -3.53 13.43
N ARG A 129 4.57 -4.76 13.11
CA ARG A 129 5.89 -4.84 12.43
C ARG A 129 5.84 -4.34 11.00
N ASP A 130 4.76 -4.67 10.29
CA ASP A 130 4.63 -4.19 8.90
C ASP A 130 4.48 -2.68 8.85
N ALA A 131 3.74 -2.12 9.81
CA ALA A 131 3.57 -0.65 9.87
C ALA A 131 4.88 0.06 10.13
N GLU A 132 5.68 -0.51 11.02
CA GLU A 132 6.95 0.13 11.36
C GLU A 132 7.88 0.02 10.14
N ALA A 133 7.86 -1.14 9.47
CA ALA A 133 8.78 -1.35 8.32
C ALA A 133 8.41 -0.44 7.12
N ASN A 134 7.14 -0.07 7.09
CA ASN A 134 6.63 0.76 6.02
C ASN A 134 6.30 2.19 6.39
N ALA A 135 6.94 2.67 7.47
CA ALA A 135 6.53 3.93 8.08
C ALA A 135 6.75 5.04 7.02
N GLU A 136 7.90 4.99 6.29
CA GLU A 136 8.27 6.07 5.39
C GLU A 136 7.33 6.07 4.13
N ALA A 137 7.10 4.85 3.62
CA ALA A 137 6.20 4.66 2.51
C ALA A 137 4.83 5.14 2.93
N ASP A 138 4.36 4.77 4.12
CA ASP A 138 2.96 5.14 4.43
C ASP A 138 2.85 6.64 4.62
N ARG A 139 3.91 7.27 5.17
CA ARG A 139 3.88 8.76 5.26
C ARG A 139 3.80 9.40 3.88
N LYS A 140 4.59 8.86 2.92
CA LYS A 140 4.57 9.38 1.54
C LYS A 140 3.19 9.18 0.92
N PHE A 141 2.55 8.05 1.24
CA PHE A 141 1.25 7.81 0.68
C PHE A 141 0.28 8.81 1.23
N GLU A 142 0.33 9.08 2.54
CA GLU A 142 -0.62 10.05 3.09
C GLU A 142 -0.39 11.45 2.49
N GLU A 143 0.88 11.85 2.36
CA GLU A 143 1.17 13.14 1.73
C GLU A 143 0.69 13.14 0.27
N LEU A 144 0.89 12.04 -0.46
CA LEU A 144 0.39 12.00 -1.84
C LEU A 144 -1.12 12.21 -1.89
N VAL A 145 -1.85 11.55 -0.99
CA VAL A 145 -3.30 11.66 -1.04
C VAL A 145 -3.75 13.10 -0.62
N GLN A 146 -3.06 13.73 0.32
CA GLN A 146 -3.47 15.08 0.69
C GLN A 146 -3.31 15.98 -0.53
N THR A 147 -2.24 15.76 -1.28
CA THR A 147 -2.01 16.59 -2.54
C THR A 147 -3.01 16.24 -3.60
N ARG A 148 -3.31 14.94 -3.76
CA ARG A 148 -4.34 14.56 -4.72
C ARG A 148 -5.71 15.22 -4.36
N ASN A 149 -6.06 15.23 -3.08
CA ASN A 149 -7.37 15.75 -2.66
C ASN A 149 -7.40 17.24 -2.88
N GLN A 150 -6.29 17.93 -2.61
CA GLN A 150 -6.24 19.37 -2.93
C GLN A 150 -6.32 19.63 -4.41
N GLY A 151 -5.60 18.83 -5.21
CA GLY A 151 -5.61 18.97 -6.65
C GLY A 151 -6.98 18.70 -7.27
N ASP A 152 -7.67 17.66 -6.79
CA ASP A 152 -9.04 17.36 -7.25
C ASP A 152 -9.94 18.54 -6.93
N HIS A 153 -9.72 19.17 -5.78
CA HIS A 153 -10.56 20.31 -5.44
C HIS A 153 -10.26 21.47 -6.37
N LEU A 154 -8.99 21.68 -6.67
CA LEU A 154 -8.58 22.72 -7.61
C LEU A 154 -9.16 22.53 -9.04
N LEU A 155 -9.18 21.30 -9.54
CA LEU A 155 -9.88 20.97 -10.78
C LEU A 155 -11.35 21.36 -10.74
N HIS A 156 -12.07 20.88 -9.74
CA HIS A 156 -13.48 21.21 -9.68
C HIS A 156 -13.71 22.68 -9.42
N SER A 157 -12.98 23.26 -8.46
CA SER A 157 -13.10 24.68 -8.15
C SER A 157 -12.96 25.55 -9.43
N THR A 158 -11.93 25.25 -10.22
CA THR A 158 -11.60 25.99 -11.47
C THR A 158 -12.68 25.78 -12.53
N ARG A 159 -13.12 24.54 -12.72
CA ARG A 159 -14.16 24.23 -13.74
C ARG A 159 -15.43 25.02 -13.50
N LYS A 160 -15.87 25.04 -12.24
CA LYS A 160 -16.96 25.91 -11.75
C LYS A 160 -16.49 27.37 -11.58
N GLN A 161 -15.58 27.82 -12.44
CA GLN A 161 -15.24 29.25 -12.52
C GLN A 161 -15.13 29.62 -13.97
N VAL A 162 -14.46 28.75 -14.73
CA VAL A 162 -14.38 28.88 -16.18
C VAL A 162 -15.79 28.99 -16.75
N GLU A 163 -16.67 28.11 -16.28
CA GLU A 163 -18.07 28.11 -16.66
C GLU A 163 -18.77 29.39 -16.15
N GLU A 164 -18.74 29.60 -14.83
CA GLU A 164 -19.36 30.77 -14.17
C GLU A 164 -18.96 32.14 -14.77
N ALA A 165 -17.74 32.24 -15.30
CA ALA A 165 -17.25 33.46 -15.94
C ALA A 165 -17.81 33.64 -17.36
N GLY A 166 -17.96 32.53 -18.11
CA GLY A 166 -18.49 32.57 -19.48
C GLY A 166 -17.68 33.42 -20.44
N ASP A 167 -18.36 34.43 -21.04
CA ASP A 167 -17.79 35.38 -22.02
C ASP A 167 -16.71 36.29 -21.46
N LYS A 168 -16.83 36.59 -20.17
CA LYS A 168 -15.92 37.50 -19.48
C LYS A 168 -14.46 36.98 -19.46
N LEU A 169 -14.29 35.66 -19.53
CA LEU A 169 -12.96 35.06 -19.70
C LEU A 169 -12.53 35.05 -21.19
N PRO A 170 -11.41 35.76 -21.54
CA PRO A 170 -10.86 35.78 -22.93
C PRO A 170 -10.59 34.37 -23.43
N ALA A 171 -10.91 34.09 -24.68
CA ALA A 171 -10.79 32.76 -25.27
C ALA A 171 -9.38 32.21 -25.12
N ASP A 172 -8.37 33.03 -25.41
CA ASP A 172 -6.95 32.68 -25.18
C ASP A 172 -6.76 32.05 -23.80
N ASP A 173 -7.31 32.71 -22.78
CA ASP A 173 -7.19 32.34 -21.37
C ASP A 173 -7.93 31.05 -21.08
N LYS A 174 -9.19 30.97 -21.50
CA LYS A 174 -10.00 29.73 -21.33
C LYS A 174 -9.27 28.51 -21.96
N THR A 175 -8.72 28.68 -23.16
CA THR A 175 -7.88 27.64 -23.75
C THR A 175 -6.74 27.18 -22.84
N ALA A 176 -5.90 28.13 -22.42
CA ALA A 176 -4.71 27.78 -21.65
C ALA A 176 -5.14 27.05 -20.38
N ILE A 177 -6.13 27.64 -19.68
CA ILE A 177 -6.74 27.02 -18.52
C ILE A 177 -7.17 25.59 -18.80
N GLU A 178 -7.78 25.33 -19.97
CA GLU A 178 -8.29 23.97 -20.27
C GLU A 178 -7.17 22.93 -20.41
N SER A 179 -6.11 23.29 -21.15
CA SER A 179 -4.92 22.44 -21.28
C SER A 179 -4.29 22.18 -19.90
N ALA A 180 -4.19 23.22 -19.06
CA ALA A 180 -3.66 23.05 -17.67
C ALA A 180 -4.52 22.13 -16.83
N LEU A 181 -5.83 22.21 -17.01
CA LEU A 181 -6.71 21.28 -16.28
C LEU A 181 -6.48 19.83 -16.70
N THR A 182 -6.26 19.61 -17.99
CA THR A 182 -6.07 18.25 -18.49
C THR A 182 -4.76 17.67 -17.97
N ALA A 183 -3.73 18.52 -17.92
CA ALA A 183 -2.41 18.12 -17.44
C ALA A 183 -2.53 17.74 -15.97
N LEU A 184 -3.31 18.53 -15.18
CA LEU A 184 -3.43 18.29 -13.75
C LEU A 184 -4.20 16.98 -13.55
N GLU A 185 -5.30 16.84 -14.33
CA GLU A 185 -6.12 15.61 -14.25
C GLU A 185 -5.25 14.37 -14.43
N THR A 186 -4.36 14.42 -15.40
CA THR A 186 -3.48 13.29 -15.68
C THR A 186 -2.51 13.04 -14.54
N ALA A 187 -1.88 14.11 -14.05
CA ALA A 187 -0.90 14.05 -12.97
C ALA A 187 -1.53 13.43 -11.73
N LEU A 188 -2.77 13.78 -11.43
CA LEU A 188 -3.48 13.31 -10.24
C LEU A 188 -3.63 11.82 -10.23
N LYS A 189 -3.62 11.21 -11.42
CA LYS A 189 -3.73 9.74 -11.45
C LYS A 189 -2.45 8.98 -11.17
N GLY A 190 -1.32 9.70 -11.23
CA GLY A 190 -0.03 9.12 -10.84
C GLY A 190 0.28 9.23 -9.35
N GLU A 191 1.48 8.83 -8.99
CA GLU A 191 1.89 8.70 -7.58
CA GLU A 191 1.83 8.74 -7.58
C GLU A 191 3.02 9.63 -7.22
N ASP A 192 3.26 10.64 -8.06
CA ASP A 192 4.41 11.58 -7.87
C ASP A 192 3.77 12.88 -7.35
N LYS A 193 4.02 13.17 -6.08
CA LYS A 193 3.41 14.30 -5.42
C LYS A 193 3.94 15.61 -6.07
N ALA A 194 5.26 15.67 -6.29
CA ALA A 194 5.80 16.92 -6.85
C ALA A 194 5.23 17.16 -8.27
N ALA A 195 4.99 16.08 -9.06
CA ALA A 195 4.44 16.27 -10.45
C ALA A 195 3.04 16.92 -10.35
N ILE A 196 2.26 16.49 -9.36
CA ILE A 196 0.92 17.03 -9.15
C ILE A 196 1.03 18.50 -8.74
N GLU A 197 1.81 18.80 -7.73
CA GLU A 197 2.03 20.21 -7.31
C GLU A 197 2.43 21.10 -8.48
N ALA A 198 3.32 20.55 -9.32
CA ALA A 198 3.86 21.33 -10.49
C ALA A 198 2.74 21.61 -11.47
N LYS A 199 1.83 20.66 -11.66
CA LYS A 199 0.68 20.94 -12.55
C LYS A 199 -0.35 21.90 -11.94
N MET A 200 -0.49 21.89 -10.61
CA MET A 200 -1.27 22.92 -9.90
C MET A 200 -0.63 24.28 -10.14
N GLN A 201 0.71 24.35 -10.03
CA GLN A 201 1.44 25.62 -10.29
C GLN A 201 1.22 26.13 -11.70
N GLU A 202 1.41 25.24 -12.67
CA GLU A 202 1.21 25.61 -14.04
C GLU A 202 -0.20 26.10 -14.31
N LEU A 203 -1.19 25.47 -13.68
CA LEU A 203 -2.58 25.94 -13.81
C LEU A 203 -2.78 27.33 -13.18
N ALA A 204 -2.32 27.55 -11.96
CA ALA A 204 -2.46 28.86 -11.35
C ALA A 204 -1.86 29.96 -12.23
N GLN A 205 -0.78 29.64 -12.98
CA GLN A 205 -0.05 30.62 -13.78
C GLN A 205 -0.77 30.98 -15.05
N VAL A 206 -1.76 30.19 -15.43
CA VAL A 206 -2.61 30.57 -16.54
C VAL A 206 -3.98 31.06 -16.06
N SER A 207 -4.20 31.10 -14.75
CA SER A 207 -5.51 31.44 -14.22
C SER A 207 -5.66 32.86 -13.63
N GLN A 208 -4.71 33.76 -13.94
CA GLN A 208 -4.74 35.10 -13.34
C GLN A 208 -6.00 35.90 -13.71
N LYS A 209 -6.32 35.93 -15.01
CA LYS A 209 -7.56 36.55 -15.46
C LYS A 209 -8.77 35.91 -14.77
N LEU A 210 -8.77 34.58 -14.66
CA LEU A 210 -9.85 33.88 -13.96
C LEU A 210 -9.96 34.35 -12.48
N MET A 211 -8.88 34.87 -11.90
CA MET A 211 -8.92 35.52 -10.58
C MET A 211 -9.04 37.05 -10.66
N VAL B 1 -21.66 -18.48 -24.72
CA VAL B 1 -22.24 -17.97 -23.41
C VAL B 1 -22.18 -16.44 -23.28
N LEU B 2 -23.17 -15.87 -22.63
CA LEU B 2 -23.14 -14.46 -22.32
C LEU B 2 -22.70 -14.15 -20.89
N LEU B 3 -22.36 -15.18 -20.09
CA LEU B 3 -22.08 -15.04 -18.67
C LEU B 3 -20.94 -16.01 -18.42
N LEU B 4 -19.86 -15.52 -17.85
CA LEU B 4 -18.75 -16.39 -17.40
C LEU B 4 -18.39 -15.99 -15.98
N ASP B 5 -18.24 -16.97 -15.10
CA ASP B 5 -17.81 -16.74 -13.72
C ASP B 5 -16.29 -16.76 -13.69
N VAL B 6 -15.71 -15.59 -13.35
CA VAL B 6 -14.26 -15.36 -13.49
C VAL B 6 -13.67 -14.71 -12.24
N THR B 7 -12.36 -14.86 -12.06
CA THR B 7 -11.74 -14.04 -11.00
C THR B 7 -11.54 -12.65 -11.61
N PRO B 8 -12.08 -11.57 -10.98
CA PRO B 8 -12.19 -10.27 -11.66
C PRO B 8 -10.88 -9.49 -11.81
N LEU B 9 -9.91 -9.84 -10.96
CA LEU B 9 -8.61 -9.17 -10.93
C LEU B 9 -7.51 -10.25 -10.86
N SER B 10 -6.32 -9.86 -11.25
CA SER B 10 -5.13 -10.73 -11.18
C SER B 10 -4.82 -11.06 -9.72
N LEU B 11 -4.30 -12.28 -9.49
CA LEU B 11 -3.95 -12.74 -8.12
C LEU B 11 -2.51 -13.15 -8.18
N GLY B 12 -1.73 -12.78 -7.18
CA GLY B 12 -0.29 -13.18 -7.21
C GLY B 12 0.32 -12.87 -5.86
N ILE B 13 1.65 -12.81 -5.90
CA ILE B 13 2.40 -12.65 -4.61
C ILE B 13 3.42 -11.55 -4.75
N GLU B 14 3.81 -10.99 -3.60
CA GLU B 14 4.86 -9.95 -3.55
C GLU B 14 6.22 -10.58 -3.74
N THR B 15 7.05 -10.02 -4.66
CA THR B 15 8.41 -10.54 -4.83
C THR B 15 9.40 -9.38 -4.55
N MET B 16 10.67 -9.75 -4.45
CA MET B 16 11.73 -8.81 -3.99
C MET B 16 11.65 -7.44 -4.68
N GLY B 17 11.63 -6.44 -3.82
CA GLY B 17 11.62 -5.02 -4.22
C GLY B 17 10.25 -4.41 -4.39
N GLY B 18 9.19 -5.13 -3.94
CA GLY B 18 7.87 -4.55 -3.90
C GLY B 18 7.13 -4.71 -5.20
N VAL B 19 7.37 -5.81 -5.89
CA VAL B 19 6.74 -6.10 -7.19
C VAL B 19 5.63 -7.14 -7.00
N MET B 20 4.50 -6.98 -7.68
CA MET B 20 3.48 -8.09 -7.75
C MET B 20 3.90 -8.96 -8.92
N THR B 21 4.02 -10.25 -8.61
CA THR B 21 4.17 -11.28 -9.62
C THR B 21 2.86 -12.09 -9.76
N THR B 22 2.25 -12.14 -10.94
CA THR B 22 0.90 -12.72 -11.05
C THR B 22 0.97 -14.23 -11.24
N LEU B 23 0.10 -14.97 -10.57
CA LEU B 23 -0.07 -16.43 -10.78
C LEU B 23 -1.36 -16.69 -11.56
N ILE B 24 -2.42 -15.91 -11.34
CA ILE B 24 -3.64 -16.09 -12.08
C ILE B 24 -4.06 -14.76 -12.67
N ALA B 25 -4.20 -14.70 -14.00
CA ALA B 25 -4.54 -13.40 -14.65
C ALA B 25 -5.99 -12.97 -14.43
N LYS B 26 -6.24 -11.66 -14.40
CA LYS B 26 -7.64 -11.20 -14.38
C LYS B 26 -8.50 -11.89 -15.45
N ASN B 27 -9.76 -12.09 -15.11
CA ASN B 27 -10.82 -12.62 -15.97
C ASN B 27 -10.58 -14.07 -16.35
N THR B 28 -9.82 -14.80 -15.53
CA THR B 28 -9.63 -16.25 -15.78
C THR B 28 -10.92 -16.94 -15.25
N THR B 29 -11.43 -17.90 -16.03
CA THR B 29 -12.60 -18.65 -15.59
C THR B 29 -12.28 -19.54 -14.39
N ILE B 30 -13.24 -19.64 -13.50
CA ILE B 30 -13.07 -20.54 -12.39
C ILE B 30 -13.88 -21.80 -12.65
N PRO B 31 -13.45 -22.91 -12.05
CA PRO B 31 -12.26 -23.11 -11.23
C PRO B 31 -10.98 -23.13 -12.04
N THR B 32 -9.90 -22.82 -11.36
CA THR B 32 -8.60 -22.72 -12.04
C THR B 32 -7.45 -22.95 -11.05
N LYS B 33 -6.29 -23.37 -11.54
CA LYS B 33 -5.13 -23.60 -10.70
C LYS B 33 -3.90 -23.22 -11.53
N HIS B 34 -2.95 -22.60 -10.89
CA HIS B 34 -1.66 -22.39 -11.52
C HIS B 34 -0.54 -22.42 -10.49
N SER B 35 0.63 -22.89 -10.90
CA SER B 35 1.82 -22.94 -10.04
C SER B 35 3.01 -22.24 -10.68
N GLN B 36 3.91 -21.68 -9.86
CA GLN B 36 5.15 -21.06 -10.34
C GLN B 36 6.20 -21.28 -9.26
N VAL B 37 7.44 -21.50 -9.66
CA VAL B 37 8.53 -21.73 -8.73
C VAL B 37 9.23 -20.39 -8.48
N PHE B 38 9.43 -20.13 -7.19
CA PHE B 38 10.14 -18.93 -6.73
C PHE B 38 11.38 -19.33 -5.94
N SER B 39 12.21 -18.37 -5.60
CA SER B 39 13.43 -18.70 -4.84
C SER B 39 13.63 -17.63 -3.79
N THR B 40 14.76 -17.72 -3.09
CA THR B 40 15.11 -16.76 -2.03
C THR B 40 15.79 -15.52 -2.58
N ALA B 41 15.56 -14.40 -1.87
CA ALA B 41 16.15 -13.10 -2.22
C ALA B 41 17.61 -12.91 -1.83
N GLU B 42 18.04 -13.57 -0.73
CA GLU B 42 19.38 -13.38 -0.17
C GLU B 42 20.06 -14.69 0.14
N ASP B 43 21.39 -14.68 0.09
CA ASP B 43 22.15 -15.90 0.49
C ASP B 43 21.79 -16.39 1.86
N ASN B 44 21.58 -17.70 1.98
CA ASN B 44 21.29 -18.36 3.29
C ASN B 44 19.98 -17.99 3.95
N GLN B 45 19.08 -17.34 3.19
CA GLN B 45 17.73 -16.99 3.68
C GLN B 45 17.05 -18.27 4.18
N SER B 46 16.52 -18.22 5.41
CA SER B 46 15.96 -19.43 6.01
C SER B 46 14.43 -19.53 5.90
N ALA B 47 13.80 -18.45 5.46
CA ALA B 47 12.35 -18.44 5.42
C ALA B 47 11.93 -17.41 4.39
N VAL B 48 10.71 -17.59 3.90
CA VAL B 48 10.15 -16.65 2.93
C VAL B 48 8.75 -16.30 3.39
N THR B 49 8.31 -15.11 3.04
CA THR B 49 6.97 -14.71 3.36
C THR B 49 6.23 -14.72 2.02
N ILE B 50 5.04 -15.35 2.03
CA ILE B 50 4.18 -15.41 0.84
C ILE B 50 3.07 -14.40 1.16
N HIS B 51 3.14 -13.22 0.52
CA HIS B 51 2.11 -12.18 0.67
C HIS B 51 1.22 -12.20 -0.52
N VAL B 52 -0.05 -12.56 -0.32
CA VAL B 52 -0.96 -12.82 -1.45
C VAL B 52 -1.64 -11.50 -1.76
N LEU B 53 -1.73 -11.16 -3.04
CA LEU B 53 -2.24 -9.86 -3.49
C LEU B 53 -3.23 -10.00 -4.61
N GLN B 54 -4.19 -9.09 -4.65
CA GLN B 54 -5.18 -9.05 -5.75
C GLN B 54 -5.04 -7.63 -6.41
N GLY B 55 -4.96 -7.61 -7.72
CA GLY B 55 -4.92 -6.33 -8.50
C GLY B 55 -4.00 -6.34 -9.68
N GLU B 56 -3.97 -5.18 -10.35
CA GLU B 56 -3.34 -5.09 -11.67
C GLU B 56 -2.09 -4.23 -11.64
N ARG B 57 -1.70 -3.70 -10.47
CA ARG B 57 -0.56 -2.80 -10.48
C ARG B 57 0.74 -3.61 -10.38
N LYS B 58 1.80 -3.11 -10.99
CA LYS B 58 3.11 -3.78 -10.81
C LYS B 58 3.76 -3.48 -9.46
N ARG B 59 3.36 -2.37 -8.79
CA ARG B 59 3.80 -2.06 -7.44
C ARG B 59 2.88 -2.84 -6.49
N ALA B 60 3.50 -3.74 -5.70
CA ALA B 60 2.74 -4.58 -4.76
C ALA B 60 1.94 -3.72 -3.79
N ALA B 61 2.48 -2.55 -3.41
CA ALA B 61 1.86 -1.75 -2.37
C ALA B 61 0.53 -1.19 -2.85
N ASP B 62 0.29 -1.13 -4.17
CA ASP B 62 -0.94 -0.57 -4.66
C ASP B 62 -1.98 -1.63 -5.01
N ASN B 63 -1.68 -2.89 -4.67
CA ASN B 63 -2.70 -3.94 -4.79
C ASN B 63 -3.25 -4.31 -3.46
N LYS B 64 -4.30 -5.10 -3.48
CA LYS B 64 -5.03 -5.42 -2.26
C LYS B 64 -4.45 -6.67 -1.64
N SER B 65 -4.01 -6.54 -0.39
CA SER B 65 -3.50 -7.68 0.36
CA SER B 65 -3.50 -7.71 0.37
C SER B 65 -4.65 -8.64 0.76
N LEU B 66 -4.49 -9.92 0.47
CA LEU B 66 -5.49 -10.96 0.80
C LEU B 66 -5.04 -11.85 1.96
N GLY B 67 -3.79 -11.79 2.29
CA GLY B 67 -3.32 -12.68 3.37
C GLY B 67 -1.83 -12.84 3.27
N GLN B 68 -1.22 -13.51 4.27
CA GLN B 68 0.21 -13.79 4.17
C GLN B 68 0.52 -14.94 5.08
N PHE B 69 1.54 -15.71 4.71
CA PHE B 69 2.04 -16.71 5.65
C PHE B 69 3.50 -16.91 5.39
N ASN B 70 4.18 -17.57 6.33
CA ASN B 70 5.57 -17.80 6.17
C ASN B 70 5.86 -19.26 5.93
N LEU B 71 6.96 -19.49 5.23
CA LEU B 71 7.46 -20.89 5.12
C LEU B 71 8.90 -20.91 5.57
N ASP B 72 9.18 -21.65 6.64
CA ASP B 72 10.57 -21.66 7.10
C ASP B 72 11.29 -22.97 6.85
N GLY B 73 12.48 -23.09 7.41
CA GLY B 73 13.28 -24.31 7.32
C GLY B 73 13.96 -24.47 5.98
N ILE B 74 14.15 -23.35 5.28
CA ILE B 74 14.89 -23.41 4.00
C ILE B 74 16.37 -23.55 4.35
N ASN B 75 16.98 -24.60 3.82
CA ASN B 75 18.38 -24.85 4.16
C ASN B 75 19.32 -23.82 3.53
N PRO B 76 20.52 -23.66 4.12
CA PRO B 76 21.49 -22.69 3.59
C PRO B 76 21.82 -22.94 2.10
N ALA B 77 21.80 -21.87 1.30
CA ALA B 77 22.15 -21.96 -0.13
C ALA B 77 22.35 -20.55 -0.62
N PRO B 78 23.01 -20.42 -1.76
CA PRO B 78 23.19 -19.12 -2.43
C PRO B 78 21.80 -18.64 -2.81
N ARG B 79 21.60 -17.31 -2.81
CA ARG B 79 20.27 -16.82 -3.18
C ARG B 79 19.90 -17.31 -4.60
N GLY B 80 18.60 -17.51 -4.88
CA GLY B 80 18.21 -18.00 -6.17
C GLY B 80 18.23 -19.50 -6.39
N MET B 81 18.89 -20.24 -5.49
CA MET B 81 18.99 -21.65 -5.71
CA MET B 81 19.07 -21.70 -5.59
C MET B 81 17.84 -22.50 -5.11
N PRO B 82 17.27 -22.12 -3.94
CA PRO B 82 16.15 -22.93 -3.47
C PRO B 82 14.92 -22.89 -4.44
N GLN B 83 14.12 -23.94 -4.44
CA GLN B 83 12.95 -23.98 -5.35
C GLN B 83 11.74 -24.03 -4.43
N ILE B 84 11.03 -22.91 -4.37
CA ILE B 84 9.81 -22.81 -3.58
C ILE B 84 8.63 -22.75 -4.54
N GLU B 85 7.84 -23.84 -4.60
CA GLU B 85 6.77 -23.91 -5.56
C GLU B 85 5.56 -23.31 -4.84
N VAL B 86 4.99 -22.28 -5.48
CA VAL B 86 3.76 -21.67 -4.98
C VAL B 86 2.60 -21.99 -5.91
N THR B 87 1.50 -22.47 -5.33
CA THR B 87 0.34 -22.88 -6.13
C THR B 87 -0.88 -22.06 -5.70
N PHE B 88 -1.64 -21.49 -6.65
CA PHE B 88 -2.93 -20.87 -6.31
C PHE B 88 -3.98 -21.77 -6.95
N ASP B 89 -5.04 -22.15 -6.22
CA ASP B 89 -6.09 -22.98 -6.74
C ASP B 89 -7.36 -22.30 -6.26
N ILE B 90 -8.20 -21.89 -7.20
CA ILE B 90 -9.49 -21.29 -6.81
C ILE B 90 -10.52 -22.33 -7.18
N ASP B 91 -11.28 -22.72 -6.19
CA ASP B 91 -12.27 -23.72 -6.44
C ASP B 91 -13.59 -23.18 -6.97
N ALA B 92 -14.55 -24.10 -7.23
CA ALA B 92 -15.80 -23.68 -7.81
C ALA B 92 -16.65 -22.79 -6.92
N ASP B 93 -16.35 -22.78 -5.61
CA ASP B 93 -16.96 -21.84 -4.62
C ASP B 93 -16.20 -20.47 -4.52
N GLY B 94 -15.12 -20.27 -5.30
CA GLY B 94 -14.40 -19.01 -5.28
C GLY B 94 -13.41 -18.96 -4.13
N ILE B 95 -13.28 -20.07 -3.37
CA ILE B 95 -12.28 -20.10 -2.26
C ILE B 95 -10.90 -20.26 -2.85
N LEU B 96 -9.96 -19.43 -2.40
CA LEU B 96 -8.60 -19.48 -2.93
C LEU B 96 -7.69 -20.18 -1.96
N HIS B 97 -7.06 -21.27 -2.42
CA HIS B 97 -6.09 -22.01 -1.62
C HIS B 97 -4.72 -21.69 -2.11
N VAL B 98 -3.85 -21.21 -1.22
CA VAL B 98 -2.49 -20.90 -1.63
C VAL B 98 -1.55 -21.77 -0.82
N SER B 99 -0.62 -22.43 -1.48
CA SER B 99 0.39 -23.24 -0.77
C SER B 99 1.76 -22.89 -1.27
N ALA B 100 2.73 -23.06 -0.37
CA ALA B 100 4.12 -22.99 -0.81
C ALA B 100 4.89 -24.22 -0.30
N LYS B 101 5.66 -24.80 -1.19
CA LYS B 101 6.47 -26.00 -0.85
C LYS B 101 7.94 -25.85 -1.30
N ASP B 102 8.83 -26.11 -0.37
CA ASP B 102 10.26 -26.12 -0.65
C ASP B 102 10.62 -27.56 -1.10
N LYS B 103 11.12 -27.62 -2.30
CA LYS B 103 11.44 -28.92 -2.91
C LYS B 103 12.61 -29.68 -2.23
N ASN B 104 13.59 -28.98 -1.72
CA ASN B 104 14.68 -29.60 -1.02
C ASN B 104 14.29 -30.03 0.40
N SER B 105 13.63 -29.18 1.17
CA SER B 105 13.38 -29.52 2.56
C SER B 105 12.11 -30.38 2.68
N GLY B 106 11.20 -30.27 1.70
CA GLY B 106 9.88 -30.96 1.73
C GLY B 106 8.83 -30.20 2.57
N LYS B 107 9.19 -29.08 3.13
CA LYS B 107 8.27 -28.42 4.03
C LYS B 107 7.27 -27.63 3.22
N GLU B 108 6.07 -27.52 3.76
CA GLU B 108 5.02 -26.83 3.06
C GLU B 108 4.16 -26.07 4.05
N GLN B 109 3.53 -24.98 3.57
CA GLN B 109 2.58 -24.25 4.41
C GLN B 109 1.53 -23.76 3.43
N LYS B 110 0.33 -23.52 3.98
CA LYS B 110 -0.77 -23.12 3.12
C LYS B 110 -1.67 -22.13 3.84
N ILE B 111 -2.49 -21.41 3.09
CA ILE B 111 -3.63 -20.65 3.69
C ILE B 111 -4.84 -20.81 2.81
N THR B 112 -6.00 -20.56 3.40
CA THR B 112 -7.26 -20.59 2.64
C THR B 112 -7.86 -19.19 2.76
N ILE B 113 -8.29 -18.62 1.65
CA ILE B 113 -8.77 -17.22 1.60
C ILE B 113 -10.19 -17.29 1.07
N LYS B 114 -11.13 -16.80 1.88
CA LYS B 114 -12.52 -17.01 1.53
C LYS B 114 -12.94 -16.13 0.33
N ALA B 115 -13.99 -16.54 -0.34
CA ALA B 115 -14.42 -15.96 -1.62
C ALA B 115 -14.82 -14.50 -1.54
N SER B 116 -15.32 -14.05 -0.37
CA SER B 116 -15.70 -12.64 -0.22
C SER B 116 -14.50 -11.68 -0.01
N SER B 117 -13.28 -12.22 0.09
CA SER B 117 -12.08 -11.43 0.33
C SER B 117 -11.77 -10.51 -0.81
N GLY B 118 -10.98 -9.46 -0.54
CA GLY B 118 -10.43 -8.61 -1.64
C GLY B 118 -11.36 -7.46 -2.01
N LEU B 119 -11.24 -6.97 -3.23
CA LEU B 119 -11.89 -5.74 -3.60
C LEU B 119 -13.32 -5.97 -4.03
N ASN B 120 -14.22 -5.04 -3.66
CA ASN B 120 -15.62 -5.14 -4.20
C ASN B 120 -15.81 -4.70 -5.63
N GLU B 121 -17.03 -4.74 -6.16
CA GLU B 121 -17.21 -4.37 -7.58
C GLU B 121 -16.75 -2.95 -7.95
N ASP B 122 -17.06 -1.97 -7.12
CA ASP B 122 -16.65 -0.61 -7.43
CA ASP B 122 -16.63 -0.61 -7.41
C ASP B 122 -15.13 -0.46 -7.36
N GLU B 123 -14.51 -1.08 -6.37
CA GLU B 123 -13.03 -1.01 -6.25
C GLU B 123 -12.36 -1.76 -7.41
N ILE B 124 -13.02 -2.83 -7.86
CA ILE B 124 -12.48 -3.57 -9.05
C ILE B 124 -12.33 -2.63 -10.30
N GLN B 125 -13.41 -1.89 -10.62
CA GLN B 125 -13.39 -0.99 -11.78
C GLN B 125 -12.31 0.12 -11.63
N LYS B 126 -12.21 0.65 -10.42
CA LYS B 126 -11.24 1.70 -10.08
C LYS B 126 -9.85 1.11 -10.32
N MET B 127 -9.66 -0.13 -9.85
CA MET B 127 -8.33 -0.77 -10.01
C MET B 127 -7.91 -0.92 -11.47
N VAL B 128 -8.83 -1.39 -12.31
CA VAL B 128 -8.50 -1.56 -13.72
C VAL B 128 -8.11 -0.20 -14.37
N ARG B 129 -8.88 0.83 -14.10
CA ARG B 129 -8.61 2.19 -14.59
C ARG B 129 -7.30 2.73 -14.05
N ASP B 130 -7.10 2.59 -12.72
CA ASP B 130 -5.81 2.90 -12.05
C ASP B 130 -4.61 2.27 -12.79
N ALA B 131 -4.67 0.97 -13.06
CA ALA B 131 -3.55 0.31 -13.73
C ALA B 131 -3.36 0.86 -15.16
N GLU B 132 -4.47 1.15 -15.87
CA GLU B 132 -4.40 1.69 -17.23
C GLU B 132 -3.68 3.05 -17.19
N ALA B 133 -4.07 3.88 -16.22
CA ALA B 133 -3.46 5.23 -16.07
C ALA B 133 -1.97 5.17 -15.68
N ASN B 134 -1.58 4.12 -15.00
CA ASN B 134 -0.23 3.98 -14.47
C ASN B 134 0.61 2.94 -15.23
N ALA B 135 0.21 2.61 -16.45
CA ALA B 135 0.94 1.49 -17.12
C ALA B 135 2.42 1.85 -17.43
N GLU B 136 2.64 3.08 -17.90
CA GLU B 136 3.98 3.48 -18.22
C GLU B 136 4.83 3.65 -16.96
N ALA B 137 4.26 4.29 -15.93
CA ALA B 137 4.96 4.46 -14.67
C ALA B 137 5.36 3.07 -14.11
N ASP B 138 4.46 2.12 -14.23
CA ASP B 138 4.71 0.78 -13.66
C ASP B 138 5.85 0.06 -14.44
N ARG B 139 5.91 0.32 -15.74
CA ARG B 139 7.07 -0.13 -16.60
C ARG B 139 8.37 0.40 -16.05
N LYS B 140 8.42 1.71 -15.75
CA LYS B 140 9.60 2.35 -15.16
C LYS B 140 9.93 1.81 -13.80
N PHE B 141 8.90 1.43 -13.05
CA PHE B 141 9.12 0.95 -11.72
C PHE B 141 9.84 -0.39 -11.78
N GLU B 142 9.43 -1.23 -12.73
CA GLU B 142 10.00 -2.58 -12.81
C GLU B 142 11.47 -2.52 -13.19
N GLU B 143 11.79 -1.52 -14.02
CA GLU B 143 13.18 -1.21 -14.33
C GLU B 143 13.96 -0.74 -13.12
N LEU B 144 13.38 0.18 -12.36
CA LEU B 144 14.00 0.60 -11.13
C LEU B 144 14.25 -0.57 -10.16
N VAL B 145 13.25 -1.44 -10.03
CA VAL B 145 13.43 -2.59 -9.16
C VAL B 145 14.55 -3.59 -9.60
N GLN B 146 14.74 -3.83 -10.88
CA GLN B 146 15.86 -4.69 -11.20
C GLN B 146 17.23 -4.12 -10.72
N THR B 147 17.35 -2.79 -10.80
CA THR B 147 18.54 -2.13 -10.34
C THR B 147 18.56 -2.11 -8.83
N ARG B 148 17.46 -1.76 -8.15
CA ARG B 148 17.44 -1.86 -6.68
C ARG B 148 17.87 -3.19 -6.14
N ASN B 149 17.38 -4.26 -6.80
CA ASN B 149 17.67 -5.61 -6.36
C ASN B 149 19.14 -5.95 -6.51
N GLN B 150 19.76 -5.48 -7.60
CA GLN B 150 21.22 -5.66 -7.73
C GLN B 150 21.89 -4.91 -6.61
N GLY B 151 21.39 -3.71 -6.32
CA GLY B 151 21.98 -2.85 -5.27
C GLY B 151 21.98 -3.57 -3.92
N ASP B 152 20.80 -4.07 -3.59
CA ASP B 152 20.51 -4.85 -2.38
C ASP B 152 21.43 -6.08 -2.30
N HIS B 153 21.55 -6.83 -3.38
CA HIS B 153 22.48 -7.98 -3.37
C HIS B 153 23.94 -7.63 -3.12
N LEU B 154 24.43 -6.57 -3.76
CA LEU B 154 25.80 -6.11 -3.51
C LEU B 154 26.06 -5.67 -2.02
N LEU B 155 25.09 -4.97 -1.47
CA LEU B 155 25.18 -4.51 -0.12
C LEU B 155 25.37 -5.74 0.83
N HIS B 156 24.50 -6.74 0.65
CA HIS B 156 24.58 -7.98 1.42
C HIS B 156 25.84 -8.74 1.17
N SER B 157 26.26 -8.95 -0.09
CA SER B 157 27.48 -9.77 -0.27
C SER B 157 28.70 -9.08 0.32
N THR B 158 28.75 -7.75 0.19
CA THR B 158 29.87 -6.96 0.67
C THR B 158 29.93 -7.07 2.24
N ARG B 159 28.79 -6.95 2.91
CA ARG B 159 28.75 -7.01 4.37
C ARG B 159 29.23 -8.37 4.88
N LYS B 160 28.75 -9.44 4.22
CA LYS B 160 29.19 -10.83 4.46
C LYS B 160 30.69 -10.95 4.30
N GLN B 161 31.22 -10.29 3.27
CA GLN B 161 32.63 -10.41 2.94
C GLN B 161 33.50 -9.65 3.93
N VAL B 162 32.96 -8.56 4.46
CA VAL B 162 33.65 -7.72 5.47
C VAL B 162 33.71 -8.49 6.81
N GLU B 163 32.59 -9.11 7.17
CA GLU B 163 32.53 -9.95 8.38
C GLU B 163 33.59 -11.05 8.27
N GLU B 164 33.49 -11.87 7.22
CA GLU B 164 34.48 -12.93 6.94
C GLU B 164 35.92 -12.44 6.87
N ALA B 165 36.13 -11.25 6.30
CA ALA B 165 37.48 -10.66 6.27
C ALA B 165 38.04 -10.32 7.68
N GLY B 166 37.17 -9.81 8.56
CA GLY B 166 37.60 -9.35 9.89
C GLY B 166 38.84 -8.46 9.83
N ASP B 167 39.82 -8.80 10.67
CA ASP B 167 41.03 -7.97 10.83
C ASP B 167 42.08 -8.12 9.70
N LYS B 168 41.86 -9.11 8.81
CA LYS B 168 42.60 -9.23 7.54
C LYS B 168 42.41 -7.97 6.66
N LEU B 169 41.21 -7.37 6.76
CA LEU B 169 40.81 -6.15 6.05
C LEU B 169 41.43 -4.90 6.70
N PRO B 170 42.31 -4.17 5.96
CA PRO B 170 42.92 -2.95 6.55
C PRO B 170 41.90 -1.87 6.99
N ALA B 171 42.26 -1.19 8.07
CA ALA B 171 41.37 -0.23 8.75
C ALA B 171 40.90 0.89 7.83
N ASP B 172 41.80 1.38 6.97
CA ASP B 172 41.45 2.44 6.03
C ASP B 172 40.37 1.92 5.06
N ASP B 173 40.51 0.66 4.62
CA ASP B 173 39.55 0.04 3.68
C ASP B 173 38.15 -0.19 4.28
N LYS B 174 38.12 -0.75 5.49
CA LYS B 174 36.87 -0.92 6.24
C LYS B 174 36.10 0.44 6.40
N THR B 175 36.79 1.52 6.77
CA THR B 175 36.15 2.84 6.91
C THR B 175 35.49 3.27 5.57
N ALA B 176 36.27 3.16 4.49
CA ALA B 176 35.86 3.59 3.16
C ALA B 176 34.67 2.71 2.72
N ILE B 177 34.78 1.39 2.94
CA ILE B 177 33.71 0.41 2.64
C ILE B 177 32.45 0.72 3.42
N GLU B 178 32.60 1.02 4.69
CA GLU B 178 31.45 1.37 5.54
C GLU B 178 30.71 2.57 4.99
N SER B 179 31.43 3.67 4.75
CA SER B 179 30.83 4.87 4.17
C SER B 179 30.06 4.53 2.89
N ALA B 180 30.68 3.74 2.02
CA ALA B 180 30.13 3.49 0.69
C ALA B 180 28.92 2.57 0.80
N LEU B 181 28.90 1.72 1.83
CA LEU B 181 27.68 0.89 2.06
C LEU B 181 26.46 1.75 2.48
N THR B 182 26.69 2.64 3.45
CA THR B 182 25.70 3.60 3.88
C THR B 182 25.17 4.42 2.72
N ALA B 183 26.07 4.90 1.85
CA ALA B 183 25.67 5.69 0.68
C ALA B 183 24.77 4.86 -0.30
N LEU B 184 25.17 3.61 -0.53
CA LEU B 184 24.37 2.73 -1.39
C LEU B 184 22.98 2.51 -0.76
N GLU B 185 22.97 2.31 0.56
CA GLU B 185 21.71 2.15 1.28
C GLU B 185 20.81 3.34 1.03
N THR B 186 21.34 4.56 1.22
CA THR B 186 20.50 5.75 1.01
C THR B 186 19.90 5.84 -0.41
N ALA B 187 20.77 5.64 -1.43
CA ALA B 187 20.36 5.69 -2.84
C ALA B 187 19.23 4.67 -3.16
N LEU B 188 19.32 3.49 -2.56
CA LEU B 188 18.35 2.41 -2.85
C LEU B 188 16.92 2.79 -2.49
N LYS B 189 16.75 3.80 -1.62
CA LYS B 189 15.41 4.24 -1.22
C LYS B 189 14.78 5.26 -2.19
N GLY B 190 15.57 5.76 -3.13
CA GLY B 190 15.09 6.74 -4.11
C GLY B 190 14.63 5.99 -5.36
N GLU B 191 14.19 6.72 -6.38
CA GLU B 191 13.64 6.08 -7.57
C GLU B 191 14.63 6.35 -8.77
N ASP B 192 15.87 6.73 -8.45
CA ASP B 192 16.82 7.09 -9.47
C ASP B 192 17.80 5.92 -9.75
N LYS B 193 17.64 5.29 -10.91
CA LYS B 193 18.44 4.13 -11.35
C LYS B 193 19.94 4.41 -11.45
N ALA B 194 20.27 5.48 -12.18
CA ALA B 194 21.62 5.95 -12.28
C ALA B 194 22.23 6.24 -10.91
N ALA B 195 21.48 6.85 -9.97
CA ALA B 195 22.08 7.11 -8.63
C ALA B 195 22.46 5.81 -7.91
N ILE B 196 21.62 4.77 -8.05
CA ILE B 196 21.94 3.51 -7.45
C ILE B 196 23.19 2.88 -8.06
N GLU B 197 23.20 2.83 -9.39
CA GLU B 197 24.35 2.28 -10.11
C GLU B 197 25.61 3.07 -9.75
N ALA B 198 25.44 4.38 -9.60
CA ALA B 198 26.61 5.22 -9.19
C ALA B 198 27.21 4.81 -7.84
N LYS B 199 26.35 4.54 -6.83
CA LYS B 199 26.87 4.15 -5.50
C LYS B 199 27.36 2.72 -5.47
N MET B 200 26.78 1.87 -6.31
CA MET B 200 27.35 0.56 -6.51
C MET B 200 28.82 0.68 -6.93
N GLN B 201 29.08 1.59 -7.88
CA GLN B 201 30.41 1.79 -8.40
C GLN B 201 31.38 2.30 -7.31
N GLU B 202 30.88 3.26 -6.53
CA GLU B 202 31.70 3.89 -5.51
C GLU B 202 32.10 2.85 -4.45
N LEU B 203 31.20 1.89 -4.21
CA LEU B 203 31.45 0.79 -3.29
C LEU B 203 32.52 -0.15 -3.88
N ALA B 204 32.39 -0.49 -5.17
CA ALA B 204 33.38 -1.36 -5.83
C ALA B 204 34.80 -0.75 -5.78
N GLN B 205 34.87 0.56 -6.04
CA GLN B 205 36.15 1.27 -6.06
C GLN B 205 36.99 1.17 -4.75
N VAL B 206 36.29 1.05 -3.62
CA VAL B 206 36.95 0.95 -2.33
C VAL B 206 37.06 -0.53 -1.86
N SER B 207 36.71 -1.45 -2.77
CA SER B 207 36.50 -2.85 -2.35
C SER B 207 37.57 -3.82 -2.90
N GLN B 208 38.54 -3.28 -3.63
CA GLN B 208 39.56 -4.10 -4.29
C GLN B 208 40.30 -5.02 -3.31
N LYS B 209 40.81 -4.45 -2.21
CA LYS B 209 41.57 -5.23 -1.22
C LYS B 209 40.69 -6.30 -0.58
N LEU B 210 39.42 -5.93 -0.36
CA LEU B 210 38.42 -6.87 0.13
C LEU B 210 38.21 -8.05 -0.84
N MET B 211 37.92 -7.73 -2.09
CA MET B 211 37.75 -8.75 -3.15
C MET B 211 38.94 -9.71 -3.21
N GLU B 212 40.15 -9.15 -3.08
CA GLU B 212 41.38 -9.96 -3.04
C GLU B 212 41.38 -10.95 -1.87
N ILE B 213 41.06 -10.43 -0.67
CA ILE B 213 40.96 -11.21 0.57
C ILE B 213 39.91 -12.31 0.50
N ALA B 214 38.68 -11.95 0.12
CA ALA B 214 37.59 -12.92 -0.06
C ALA B 214 37.98 -14.04 -1.05
N GLN B 215 38.83 -13.70 -2.03
CA GLN B 215 39.21 -14.57 -3.15
C GLN B 215 40.23 -15.68 -2.82
N GLN B 216 41.14 -15.42 -1.87
CA GLN B 216 42.17 -16.41 -1.46
C GLN B 216 41.64 -17.64 -0.70
N GLN B 217 42.45 -18.70 -0.68
CA GLN B 217 42.15 -19.93 0.05
C GLN B 217 42.40 -19.76 1.55
N ARG C 7 -10.35 19.22 9.01
CA ARG C 7 -11.61 18.44 8.86
C ARG C 7 -11.37 17.29 7.87
N PRO C 8 -11.56 16.03 8.32
CA PRO C 8 -11.24 15.18 7.18
C PRO C 8 -12.50 14.95 6.41
N TYR C 9 -12.32 14.55 5.17
CA TYR C 9 -13.46 14.34 4.33
C TYR C 9 -13.79 12.89 4.23
N LEU C 10 -15.06 12.60 4.26
CA LEU C 10 -15.45 11.24 3.91
C LEU C 10 -15.27 10.91 2.42
N PRO C 11 -15.29 9.61 2.07
CA PRO C 11 -15.07 9.32 0.66
C PRO C 11 -16.15 9.92 -0.25
N ARG C 12 -15.77 10.18 -1.51
CA ARG C 12 -16.68 10.74 -2.51
C ARG C 12 -17.65 9.61 -2.90
N PRO C 13 -18.75 9.93 -3.59
CA PRO C 13 -19.75 8.89 -3.94
C PRO C 13 -19.16 7.82 -4.88
N PRO D 6 16.56 -17.22 -13.08
CA PRO D 6 15.23 -17.22 -13.71
C PRO D 6 14.07 -16.90 -12.75
N ARG D 7 13.96 -17.68 -11.66
CA ARG D 7 12.88 -17.58 -10.67
C ARG D 7 12.83 -16.22 -9.94
N PRO D 8 11.61 -15.61 -9.78
CA PRO D 8 11.50 -14.41 -8.91
C PRO D 8 11.73 -14.73 -7.41
N TYR D 9 12.17 -13.74 -6.65
CA TYR D 9 12.66 -13.99 -5.33
C TYR D 9 11.65 -13.52 -4.28
N LEU D 10 11.60 -14.25 -3.16
CA LEU D 10 10.66 -13.90 -2.11
C LEU D 10 11.41 -13.22 -0.95
N PRO D 11 10.74 -12.24 -0.29
CA PRO D 11 11.35 -11.61 0.86
C PRO D 11 11.33 -12.50 2.11
N ARG D 12 12.12 -12.15 3.14
CA ARG D 12 12.08 -12.94 4.37
C ARG D 12 10.96 -12.41 5.32
N PRO D 13 10.54 -13.20 6.33
CA PRO D 13 9.57 -12.65 7.34
C PRO D 13 10.16 -11.44 8.07
N ARG D 14 9.34 -10.44 8.40
CA ARG D 14 9.88 -9.28 9.15
C ARG D 14 10.32 -9.71 10.55
N PRO D 15 11.54 -9.32 10.96
CA PRO D 15 12.00 -9.56 12.34
C PRO D 15 11.33 -8.62 13.37
N PRO D 16 11.65 -8.79 14.68
CA PRO D 16 11.15 -7.78 15.63
C PRO D 16 11.63 -6.35 15.27
N ARG D 17 10.76 -5.36 15.54
CA ARG D 17 11.06 -3.91 15.35
C ARG D 17 12.36 -3.45 16.04
N PRO D 18 13.25 -2.71 15.31
CA PRO D 18 14.43 -2.11 15.97
C PRO D 18 14.06 -0.91 16.83
#